data_7IJ1
#
_entry.id   7IJ1
#
_cell.length_a   88.847
_cell.length_b   88.847
_cell.length_c   39.532
_cell.angle_alpha   90.000
_cell.angle_beta   90.000
_cell.angle_gamma   90.000
#
_symmetry.space_group_name_H-M   'P 43'
#
loop_
_entity.id
_entity.type
_entity.pdbx_description
1 polymer 'Non-structural protein 3'
2 non-polymer '(3R)-3-(4-hydroxyphenyl)-3-[(7H-pyrrolo[2,3-d]pyrimidine-4-carbonyl)amino]propanoic acid'
3 non-polymer '(3S)-3-(4-hydroxyphenyl)-3-[(7H-pyrrolo[2,3-d]pyrimidine-4-carbonyl)amino]propanoic acid'
4 water water
#
_entity_poly.entity_id   1
_entity_poly.type   'polypeptide(L)'
_entity_poly.pdbx_seq_one_letter_code
;SMVNSFSGYLKLTDNVYIKNADIVEEAKKVKPTVVVNAANVYLKHGGGVAGALNKATNNAMQVESDDYIATNGPLKVGGS
CVLSGHNLAKHCLHVVGPNVNKGEDIQLLKSAYENFNQHEVLLAPLLSAGIFGADPIHSLRVCVDTVRTNVYLAVFDKNL
YDKLVSSFL
;
_entity_poly.pdbx_strand_id   A,B
#
loop_
_chem_comp.id
_chem_comp.type
_chem_comp.name
_chem_comp.formula
A1CJV non-polymer '(3R)-3-(4-hydroxyphenyl)-3-[(7H-pyrrolo[2,3-d]pyrimidine-4-carbonyl)amino]propanoic acid' 'C16 H14 N4 O4'
A1CJW non-polymer '(3S)-3-(4-hydroxyphenyl)-3-[(7H-pyrrolo[2,3-d]pyrimidine-4-carbonyl)amino]propanoic acid' 'C16 H14 N4 O4'
#
# COMPACT_ATOMS: atom_id res chain seq x y z
N VAL A 3 -19.61 14.51 -1.25
N VAL A 3 -19.70 14.47 -1.06
CA VAL A 3 -20.73 13.58 -1.29
CA VAL A 3 -20.78 13.51 -1.18
C VAL A 3 -20.48 12.50 -2.34
C VAL A 3 -20.44 12.47 -2.25
N ASN A 4 -20.66 11.23 -1.94
N ASN A 4 -20.64 11.19 -1.92
CA ASN A 4 -20.54 10.10 -2.85
CA ASN A 4 -20.45 10.10 -2.87
C ASN A 4 -21.79 9.22 -2.77
C ASN A 4 -21.69 9.22 -2.92
N SER A 5 -21.76 8.10 -3.49
N SER A 5 -21.68 8.28 -3.87
CA SER A 5 -22.93 7.29 -3.76
CA SER A 5 -22.86 7.49 -4.20
C SER A 5 -23.08 6.10 -2.81
C SER A 5 -23.05 6.28 -3.31
N PHE A 6 -22.15 5.88 -1.89
N PHE A 6 -22.11 5.97 -2.42
CA PHE A 6 -22.24 4.75 -0.99
CA PHE A 6 -22.32 4.90 -1.47
C PHE A 6 -23.39 4.94 0.01
C PHE A 6 -23.52 5.23 -0.59
N SER A 7 -24.15 3.87 0.26
N SER A 7 -24.37 4.23 -0.37
CA SER A 7 -25.40 3.96 1.01
CA SER A 7 -25.63 4.41 0.33
C SER A 7 -25.47 2.85 2.06
C SER A 7 -25.76 3.39 1.45
N GLY A 8 -26.02 3.18 3.23
N GLY A 8 -26.13 3.86 2.64
CA GLY A 8 -26.29 2.19 4.25
CA GLY A 8 -26.46 2.98 3.73
C GLY A 8 -25.09 1.75 5.08
C GLY A 8 -25.30 2.45 4.54
N TYR A 9 -23.99 2.49 5.02
N TYR A 9 -24.14 3.10 4.50
CA TYR A 9 -22.79 2.14 5.79
CA TYR A 9 -23.00 2.63 5.26
C TYR A 9 -22.87 2.71 7.21
C TYR A 9 -22.99 3.23 6.66
N LEU A 10 -22.27 1.98 8.15
N LEU A 10 -22.48 2.44 7.60
CA LEU A 10 -22.02 2.48 9.49
CA LEU A 10 -22.27 2.90 8.97
C LEU A 10 -20.66 3.17 9.51
C LEU A 10 -20.90 3.55 9.08
N LYS A 11 -20.61 4.35 10.11
N LYS A 11 -20.86 4.78 9.57
CA LYS A 11 -19.38 5.14 10.18
CA LYS A 11 -19.60 5.49 9.75
C LYS A 11 -18.60 4.68 11.40
C LYS A 11 -18.90 4.94 10.99
N LEU A 12 -17.38 4.17 11.20
N LEU A 12 -17.63 4.55 10.83
CA LEU A 12 -16.54 3.78 12.32
CA LEU A 12 -16.84 4.03 11.94
C LEU A 12 -15.62 4.91 12.76
C LEU A 12 -15.84 5.05 12.49
N THR A 13 -15.09 5.66 11.80
N THR A 13 -15.09 5.73 11.62
CA THR A 13 -14.19 6.77 12.06
CA THR A 13 -14.15 6.77 12.02
C THR A 13 -14.47 7.86 11.04
C THR A 13 -14.27 7.93 11.03
N ASP A 14 -13.64 8.90 11.08
N ASP A 14 -13.33 8.87 11.10
CA ASP A 14 -13.70 9.98 10.11
CA ASP A 14 -13.37 10.00 10.18
C ASP A 14 -13.69 9.44 8.68
C ASP A 14 -13.43 9.56 8.72
N ASN A 15 -12.88 8.41 8.42
N ASN A 15 -12.87 8.39 8.38
CA ASN A 15 -12.61 7.95 7.06
CA ASN A 15 -12.73 7.99 6.98
C ASN A 15 -12.87 6.46 6.81
C ASN A 15 -13.19 6.59 6.63
N VAL A 16 -13.34 5.71 7.80
N VAL A 16 -13.55 5.75 7.61
CA VAL A 16 -13.60 4.27 7.65
CA VAL A 16 -13.90 4.35 7.37
C VAL A 16 -15.08 3.98 7.90
C VAL A 16 -15.39 4.17 7.58
N TYR A 17 -15.70 3.32 6.92
N TYR A 17 -16.00 3.41 6.68
CA TYR A 17 -17.11 2.95 6.95
CA TYR A 17 -17.43 3.14 6.67
C TYR A 17 -17.24 1.44 6.71
C TYR A 17 -17.59 1.65 6.40
N ILE A 18 -18.36 0.85 7.15
N ILE A 18 -18.61 1.01 7.00
CA ILE A 18 -18.54 -0.61 7.06
CA ILE A 18 -18.73 -0.44 6.94
C ILE A 18 -20.01 -0.94 6.82
C ILE A 18 -20.16 -0.88 6.67
N LYS A 19 -20.26 -1.96 5.98
N LYS A 19 -20.28 -2.11 6.18
CA LYS A 19 -21.62 -2.38 5.61
CA LYS A 19 -21.57 -2.69 5.82
C LYS A 19 -21.65 -3.88 5.39
C LYS A 19 -21.45 -4.20 5.73
N ASN A 20 -22.75 -4.53 5.79
N ASN A 20 -22.48 -4.91 6.17
CA ASN A 20 -22.97 -5.94 5.45
CA ASN A 20 -22.60 -6.35 5.94
C ASN A 20 -23.46 -5.99 4.01
C ASN A 20 -23.13 -6.54 4.52
N ALA A 21 -22.59 -6.41 3.10
N ALA A 21 -22.22 -6.82 3.58
CA ALA A 21 -22.92 -6.41 1.68
CA ALA A 21 -22.64 -6.91 2.19
C ALA A 21 -21.99 -7.35 0.94
C ALA A 21 -21.61 -7.67 1.37
N ASP A 22 -22.50 -7.89 -0.17
N ASP A 22 -22.04 -8.11 0.18
CA ASP A 22 -21.68 -8.63 -1.13
CA ASP A 22 -21.19 -8.74 -0.80
C ASP A 22 -20.96 -7.63 -2.01
C ASP A 22 -20.53 -7.64 -1.64
N ILE A 23 -19.63 -7.62 -1.94
N ILE A 23 -19.19 -7.60 -1.64
CA ILE A 23 -18.83 -6.64 -2.66
CA ILE A 23 -18.46 -6.57 -2.37
C ILE A 23 -19.11 -6.68 -4.16
C ILE A 23 -18.83 -6.58 -3.85
N VAL A 24 -19.47 -7.85 -4.69
N VAL A 24 -19.15 -7.74 -4.40
CA VAL A 24 -19.82 -7.95 -6.11
CA VAL A 24 -19.51 -7.82 -5.82
C VAL A 24 -21.08 -7.14 -6.40
C VAL A 24 -20.82 -7.06 -6.07
N GLU A 25 -22.15 -7.38 -5.64
N GLU A 25 -21.79 -7.20 -5.16
CA GLU A 25 -23.38 -6.64 -5.85
CA GLU A 25 -23.06 -6.50 -5.31
C GLU A 25 -23.20 -5.16 -5.54
C GLU A 25 -22.89 -4.99 -5.06
N GLU A 26 -22.39 -4.85 -4.52
N GLU A 26 -22.07 -4.61 -4.09
CA GLU A 26 -22.13 -3.46 -4.19
CA GLU A 26 -21.78 -3.19 -3.90
C GLU A 26 -21.39 -2.75 -5.33
C GLU A 26 -21.13 -2.58 -5.13
N ALA A 27 -20.33 -3.37 -5.84
CA ALA A 27 -19.62 -2.80 -6.99
C ALA A 27 -20.55 -2.61 -8.18
N LYS A 28 -21.38 -3.61 -8.49
N LYS A 28 -21.40 -3.60 -8.46
CA LYS A 28 -22.26 -3.47 -9.64
CA LYS A 28 -22.35 -3.47 -9.56
C LYS A 28 -23.23 -2.31 -9.48
C LYS A 28 -23.32 -2.31 -9.34
N LYS A 29 -23.67 -2.02 -8.26
N LYS A 29 -23.67 -2.02 -8.09
CA LYS A 29 -24.60 -0.93 -8.04
CA LYS A 29 -24.64 -0.96 -7.82
C LYS A 29 -23.90 0.43 -8.03
C LYS A 29 -24.00 0.42 -7.86
N VAL A 30 -22.81 0.54 -7.29
CA VAL A 30 -22.16 1.85 -7.14
C VAL A 30 -21.26 2.21 -8.33
N LYS A 31 -20.63 1.22 -8.96
N LYS A 31 -20.66 1.21 -8.96
CA LYS A 31 -19.61 1.46 -9.98
CA LYS A 31 -19.61 1.42 -9.96
C LYS A 31 -18.54 2.40 -9.44
C LYS A 31 -18.56 2.39 -9.43
N PRO A 32 -17.88 2.04 -8.34
CA PRO A 32 -16.92 2.97 -7.74
C PRO A 32 -15.71 3.18 -8.63
N THR A 33 -14.98 4.24 -8.32
CA THR A 33 -13.72 4.48 -9.01
C THR A 33 -12.75 3.33 -8.80
N VAL A 34 -12.69 2.81 -7.57
CA VAL A 34 -11.75 1.74 -7.22
C VAL A 34 -12.48 0.68 -6.39
N VAL A 35 -12.43 -0.56 -6.85
CA VAL A 35 -12.76 -1.73 -6.04
C VAL A 35 -11.46 -2.46 -5.72
N VAL A 36 -11.30 -2.87 -4.47
CA VAL A 36 -10.14 -3.63 -4.04
C VAL A 36 -10.42 -5.13 -4.15
N ASN A 37 -9.52 -5.83 -4.83
N ASN A 37 -9.46 -5.86 -4.70
CA ASN A 37 -9.55 -7.28 -4.87
CA ASN A 37 -9.45 -7.32 -4.66
C ASN A 37 -8.61 -7.85 -3.83
C ASN A 37 -8.45 -7.84 -3.64
N ALA A 38 -9.07 -8.91 -3.14
N ALA A 38 -8.87 -8.87 -2.90
CA ALA A 38 -8.25 -9.71 -2.25
CA ALA A 38 -8.00 -9.58 -1.97
C ALA A 38 -7.42 -10.68 -3.10
C ALA A 38 -7.26 -10.66 -2.76
N ALA A 39 -6.33 -10.17 -3.65
N ALA A 39 -6.14 -10.26 -3.37
CA ALA A 39 -5.51 -10.88 -4.63
CA ALA A 39 -5.45 -11.10 -4.33
C ALA A 39 -4.46 -11.75 -3.95
C ALA A 39 -4.33 -11.91 -3.67
N ASN A 40 -3.90 -12.68 -4.73
N ASN A 40 -3.87 -12.92 -4.40
CA ASN A 40 -2.65 -13.35 -4.41
CA ASN A 40 -2.60 -13.57 -4.10
C ASN A 40 -1.56 -12.88 -5.37
C ASN A 40 -1.56 -13.09 -5.12
N VAL A 41 -0.31 -13.24 -5.06
N VAL A 41 -0.30 -13.50 -4.90
CA VAL A 41 0.82 -12.72 -5.83
CA VAL A 41 0.81 -12.91 -5.64
C VAL A 41 0.73 -13.16 -7.27
C VAL A 41 0.82 -13.25 -7.14
N TYR A 42 0.09 -14.29 -7.56
CA TYR A 42 0.00 -14.77 -8.93
C TYR A 42 -1.22 -14.25 -9.65
N LEU A 43 -2.05 -13.43 -8.99
N LEU A 43 -2.04 -13.45 -8.97
CA LEU A 43 -3.31 -12.94 -9.55
CA LEU A 43 -3.36 -13.04 -9.46
C LEU A 43 -4.16 -14.08 -10.10
C LEU A 43 -4.16 -14.22 -9.97
N LYS A 44 -4.15 -15.22 -9.41
N LYS A 44 -4.13 -15.31 -9.22
CA LYS A 44 -5.00 -16.35 -9.76
CA LYS A 44 -4.97 -16.48 -9.51
C LYS A 44 -6.29 -16.23 -8.93
C LYS A 44 -6.27 -16.32 -8.71
N HIS A 45 -7.38 -15.86 -9.59
N HIS A 45 -7.32 -15.86 -9.39
CA HIS A 45 -8.59 -15.44 -8.88
CA HIS A 45 -8.57 -15.49 -8.74
C HIS A 45 -9.56 -16.62 -8.75
C HIS A 45 -9.46 -16.74 -8.68
N GLY A 46 -9.16 -17.60 -7.92
N GLY A 46 -9.32 -17.50 -7.60
CA GLY A 46 -9.85 -18.87 -7.90
CA GLY A 46 -10.00 -18.77 -7.52
C GLY A 46 -11.03 -18.96 -6.94
C GLY A 46 -11.26 -18.78 -6.68
N GLY A 47 -10.97 -18.24 -5.83
N GLY A 47 -11.22 -18.09 -5.53
CA GLY A 47 -11.97 -18.36 -4.80
CA GLY A 47 -12.31 -18.16 -4.58
C GLY A 47 -11.97 -17.13 -3.91
C GLY A 47 -12.36 -16.90 -3.74
N GLY A 48 -12.82 -17.16 -2.89
N GLY A 48 -13.29 -16.89 -2.79
CA GLY A 48 -12.98 -15.99 -2.04
CA GLY A 48 -13.49 -15.72 -1.96
C GLY A 48 -13.45 -14.78 -2.83
C GLY A 48 -13.78 -14.50 -2.80
N VAL A 49 -13.14 -13.60 -2.29
N VAL A 49 -13.23 -13.36 -2.36
CA VAL A 49 -13.48 -12.35 -2.96
CA VAL A 49 -13.43 -12.11 -3.07
C VAL A 49 -12.98 -12.36 -4.39
C VAL A 49 -12.95 -12.20 -4.50
N ALA A 50 -11.72 -12.76 -4.59
N ALA A 50 -11.74 -12.75 -4.70
CA ALA A 50 -11.14 -12.73 -5.93
CA ALA A 50 -11.13 -12.72 -6.04
C ALA A 50 -11.92 -13.64 -6.89
C ALA A 50 -11.92 -13.57 -7.02
N GLY A 51 -12.25 -14.85 -6.45
N GLY A 51 -12.25 -14.81 -6.65
CA GLY A 51 -13.06 -15.72 -7.29
CA GLY A 51 -13.00 -15.66 -7.56
C GLY A 51 -14.38 -15.08 -7.66
C GLY A 51 -14.39 -15.12 -7.83
N ALA A 52 -15.02 -14.41 -6.70
N ALA A 52 -15.01 -14.49 -6.84
CA ALA A 52 -16.32 -13.79 -6.93
CA ALA A 52 -16.35 -13.92 -7.04
C ALA A 52 -16.22 -12.61 -7.88
C ALA A 52 -16.29 -12.68 -7.93
N LEU A 53 -15.24 -11.72 -7.67
N LEU A 53 -15.33 -11.78 -7.67
CA LEU A 53 -15.09 -10.58 -8.58
CA LEU A 53 -15.14 -10.64 -8.56
C LEU A 53 -14.79 -11.05 -10.00
C LEU A 53 -14.87 -11.13 -9.98
N ASN A 54 -13.91 -12.05 -10.13
CA ASN A 54 -13.55 -12.50 -11.46
C ASN A 54 -14.76 -13.13 -12.18
N LYS A 55 -15.52 -13.95 -11.46
CA LYS A 55 -16.72 -14.55 -12.05
C LYS A 55 -17.67 -13.48 -12.56
N ALA A 56 -17.85 -12.40 -11.79
CA ALA A 56 -18.73 -11.31 -12.19
C ALA A 56 -18.25 -10.60 -13.45
N THR A 57 -16.94 -10.65 -13.76
CA THR A 57 -16.41 -10.09 -15.01
C THR A 57 -16.39 -11.11 -16.15
N ASN A 58 -17.00 -12.27 -15.96
CA ASN A 58 -17.01 -13.30 -17.00
C ASN A 58 -15.60 -13.75 -17.37
N ASN A 59 -14.69 -13.77 -16.40
CA ASN A 59 -13.29 -14.18 -16.52
C ASN A 59 -12.40 -13.13 -17.20
N ALA A 60 -12.92 -11.96 -17.54
CA ALA A 60 -12.06 -10.94 -18.15
C ALA A 60 -10.98 -10.48 -17.18
N MET A 61 -11.29 -10.41 -15.89
CA MET A 61 -10.27 -10.06 -14.89
C MET A 61 -9.11 -11.05 -14.93
N GLN A 62 -9.41 -12.35 -15.02
CA GLN A 62 -8.34 -13.34 -15.08
C GLN A 62 -7.51 -13.21 -16.34
N VAL A 63 -8.15 -12.99 -17.49
CA VAL A 63 -7.42 -12.85 -18.74
C VAL A 63 -6.45 -11.68 -18.67
N GLU A 64 -6.94 -10.54 -18.17
CA GLU A 64 -6.09 -9.37 -18.01
C GLU A 64 -4.95 -9.65 -17.03
N SER A 65 -5.26 -10.33 -15.93
CA SER A 65 -4.28 -10.63 -14.90
C SER A 65 -3.19 -11.55 -15.43
N ASP A 66 -3.55 -12.54 -16.24
CA ASP A 66 -2.53 -13.45 -16.77
C ASP A 66 -1.56 -12.70 -17.67
N ASP A 67 -2.04 -11.75 -18.45
CA ASP A 67 -1.15 -10.92 -19.25
C ASP A 67 -0.25 -10.07 -18.35
N TYR A 68 -0.81 -9.50 -17.28
CA TYR A 68 0.00 -8.71 -16.35
C TYR A 68 1.15 -9.54 -15.77
N ILE A 69 0.85 -10.76 -15.31
CA ILE A 69 1.87 -11.60 -14.70
C ILE A 69 2.91 -12.04 -15.74
N ALA A 70 2.46 -12.37 -16.95
CA ALA A 70 3.41 -12.76 -17.98
C ALA A 70 4.41 -11.65 -18.28
N THR A 71 4.00 -10.39 -18.15
CA THR A 71 4.88 -9.26 -18.41
C THR A 71 5.73 -8.89 -17.21
N ASN A 72 5.14 -8.88 -16.01
CA ASN A 72 5.73 -8.27 -14.83
C ASN A 72 6.17 -9.23 -13.75
N GLY A 73 5.74 -10.49 -13.80
CA GLY A 73 5.99 -11.41 -12.73
C GLY A 73 5.08 -11.17 -11.54
N PRO A 74 5.22 -12.01 -10.53
CA PRO A 74 4.30 -11.94 -9.38
C PRO A 74 4.45 -10.66 -8.58
N LEU A 75 3.36 -10.31 -7.91
CA LEU A 75 3.38 -9.24 -6.92
C LEU A 75 4.16 -9.69 -5.69
N LYS A 76 4.45 -8.72 -4.82
CA LYS A 76 4.96 -8.98 -3.48
C LYS A 76 3.80 -9.15 -2.50
N VAL A 77 3.97 -10.01 -1.50
CA VAL A 77 3.04 -9.99 -0.38
C VAL A 77 3.13 -8.63 0.29
N GLY A 78 1.99 -7.97 0.49
CA GLY A 78 1.94 -6.59 0.92
C GLY A 78 1.85 -5.58 -0.21
N GLY A 79 2.02 -6.03 -1.46
CA GLY A 79 2.01 -5.16 -2.61
C GLY A 79 0.68 -5.14 -3.34
N SER A 80 0.67 -4.43 -4.47
CA SER A 80 -0.56 -4.21 -5.21
C SER A 80 -0.23 -3.84 -6.66
N CYS A 81 -1.27 -3.93 -7.49
CA CYS A 81 -1.22 -3.32 -8.82
C CYS A 81 -2.61 -2.82 -9.16
N VAL A 82 -2.66 -1.81 -10.03
CA VAL A 82 -3.91 -1.26 -10.53
C VAL A 82 -4.19 -1.84 -11.91
N LEU A 83 -5.33 -2.48 -12.07
CA LEU A 83 -5.79 -3.00 -13.34
C LEU A 83 -7.20 -2.49 -13.60
N SER A 84 -7.80 -2.94 -14.71
CA SER A 84 -9.15 -2.50 -15.02
C SER A 84 -10.15 -3.00 -13.98
N GLY A 85 -11.20 -2.22 -13.76
CA GLY A 85 -12.34 -2.67 -13.00
C GLY A 85 -13.40 -3.35 -13.82
N HIS A 86 -13.21 -3.47 -15.14
CA HIS A 86 -14.13 -4.19 -16.02
C HIS A 86 -15.53 -3.62 -15.86
N ASN A 87 -16.55 -4.44 -15.70
N ASN A 87 -16.55 -4.44 -15.70
CA ASN A 87 -17.92 -3.98 -15.54
CA ASN A 87 -17.94 -4.02 -15.54
C ASN A 87 -18.27 -3.62 -14.11
C ASN A 87 -18.30 -3.68 -14.11
N LEU A 88 -17.31 -3.70 -13.18
N LEU A 88 -17.33 -3.67 -13.18
CA LEU A 88 -17.59 -3.52 -11.76
CA LEU A 88 -17.62 -3.50 -11.77
C LEU A 88 -17.20 -2.15 -11.22
C LEU A 88 -17.17 -2.16 -11.19
N ALA A 89 -16.18 -1.52 -11.78
CA ALA A 89 -15.58 -0.30 -11.26
C ALA A 89 -14.72 0.26 -12.37
N LYS A 90 -14.27 1.51 -12.20
CA LYS A 90 -13.29 2.03 -13.16
C LYS A 90 -12.00 1.24 -13.09
N HIS A 91 -11.46 1.07 -11.88
CA HIS A 91 -10.22 0.37 -11.63
C HIS A 91 -10.42 -0.69 -10.58
N CYS A 92 -9.60 -1.74 -10.66
CA CYS A 92 -9.45 -2.70 -9.58
C CYS A 92 -8.04 -2.61 -9.02
N LEU A 93 -7.94 -2.32 -7.71
CA LEU A 93 -6.69 -2.37 -6.99
C LEU A 93 -6.53 -3.77 -6.41
N HIS A 94 -5.65 -4.56 -7.02
CA HIS A 94 -5.37 -5.91 -6.53
C HIS A 94 -4.34 -5.80 -5.42
N VAL A 95 -4.72 -6.15 -4.19
CA VAL A 95 -3.86 -6.00 -3.02
C VAL A 95 -3.63 -7.38 -2.41
N VAL A 96 -2.37 -7.70 -2.13
N VAL A 96 -2.38 -7.70 -2.12
CA VAL A 96 -1.99 -9.00 -1.58
CA VAL A 96 -2.03 -8.98 -1.52
C VAL A 96 -1.80 -8.87 -0.07
C VAL A 96 -1.76 -8.76 -0.03
N GLY A 97 -2.83 -9.22 0.70
N GLY A 97 -2.63 -9.30 0.81
CA GLY A 97 -2.67 -9.39 2.12
CA GLY A 97 -2.33 -9.40 2.23
C GLY A 97 -1.99 -10.72 2.39
C GLY A 97 -1.59 -10.69 2.53
N PRO A 98 -1.32 -10.86 3.53
N PRO A 98 -0.89 -10.75 3.66
CA PRO A 98 -0.73 -12.15 3.88
CA PRO A 98 -0.19 -11.98 4.03
C PRO A 98 -1.78 -13.22 4.07
C PRO A 98 -1.17 -13.13 4.27
N ASN A 99 -1.46 -14.43 3.59
N ASN A 99 -0.75 -14.31 3.85
CA ASN A 99 -2.32 -15.61 3.74
CA ASN A 99 -1.50 -15.56 4.06
C ASN A 99 -1.76 -16.44 4.88
C ASN A 99 -0.82 -16.27 5.23
N VAL A 100 -2.44 -16.40 6.03
N VAL A 100 -1.46 -16.24 6.40
CA VAL A 100 -2.01 -17.16 7.20
CA VAL A 100 -0.85 -16.82 7.59
C VAL A 100 -1.95 -18.64 6.90
C VAL A 100 -0.84 -18.35 7.53
N ASN A 101 -2.86 -19.14 6.05
N ASN A 101 -1.67 -18.95 6.68
CA ASN A 101 -2.84 -20.55 5.70
CA ASN A 101 -1.60 -20.38 6.44
C ASN A 101 -1.66 -20.92 4.79
C ASN A 101 -0.34 -20.76 5.66
N LYS A 102 -0.83 -19.96 4.41
N LYS A 102 0.23 -19.81 4.93
CA LYS A 102 0.45 -20.21 3.74
CA LYS A 102 1.45 -20.02 4.17
C LYS A 102 1.64 -19.92 4.64
C LYS A 102 2.69 -19.54 4.91
N GLY A 103 1.41 -19.43 5.85
N GLY A 103 2.58 -19.26 6.20
CA GLY A 103 2.49 -19.12 6.77
CA GLY A 103 3.72 -18.81 6.98
C GLY A 103 3.09 -17.74 6.63
C GLY A 103 4.13 -17.38 6.72
N GLU A 104 2.38 -16.80 6.04
N GLU A 104 3.23 -16.55 6.17
CA GLU A 104 2.94 -15.48 5.75
CA GLU A 104 3.58 -15.20 5.79
C GLU A 104 2.80 -14.54 6.95
C GLU A 104 3.32 -14.23 6.94
N ASP A 105 3.76 -13.62 7.05
N ASP A 105 4.23 -13.29 7.11
CA ASP A 105 3.88 -12.75 8.22
CA ASP A 105 4.27 -12.43 8.29
C ASP A 105 2.68 -11.81 8.30
C ASP A 105 3.05 -11.54 8.35
N ILE A 106 1.98 -11.84 9.43
N ILE A 106 2.27 -11.66 9.43
CA ILE A 106 0.81 -10.98 9.59
CA ILE A 106 1.06 -10.86 9.58
C ILE A 106 1.18 -9.52 9.67
C ILE A 106 1.37 -9.38 9.68
N GLN A 107 2.43 -9.20 10.05
N GLN A 107 2.60 -9.01 10.07
CA GLN A 107 2.88 -7.81 10.06
CA GLN A 107 2.97 -7.59 10.06
C GLN A 107 2.78 -7.18 8.67
C GLN A 107 2.86 -6.99 8.67
N LEU A 108 2.79 -7.99 7.61
N LEU A 108 2.87 -7.82 7.62
CA LEU A 108 2.66 -7.47 6.27
CA LEU A 108 2.69 -7.31 6.26
C LEU A 108 1.27 -6.92 5.99
C LEU A 108 1.26 -6.89 5.99
N LEU A 109 0.31 -7.15 6.90
CA LEU A 109 -1.03 -6.63 6.69
C LEU A 109 -1.04 -5.11 6.67
N LYS A 110 -0.23 -4.47 7.51
CA LYS A 110 -0.18 -3.01 7.48
C LYS A 110 0.35 -2.51 6.14
N SER A 111 1.41 -3.13 5.63
CA SER A 111 1.92 -2.76 4.32
C SER A 111 0.86 -2.90 3.24
N ALA A 112 0.06 -3.98 3.32
CA ALA A 112 -1.00 -4.19 2.34
C ALA A 112 -2.00 -3.04 2.38
N TYR A 113 -2.45 -2.65 3.58
CA TYR A 113 -3.42 -1.55 3.68
C TYR A 113 -2.83 -0.22 3.23
N GLU A 114 -1.51 -0.02 3.36
CA GLU A 114 -0.92 1.24 2.92
C GLU A 114 -1.21 1.52 1.45
N ASN A 115 -1.38 0.49 0.64
CA ASN A 115 -1.70 0.69 -0.77
C ASN A 115 -2.98 1.49 -0.94
N PHE A 116 -3.92 1.38 0.00
CA PHE A 116 -5.19 2.09 -0.13
C PHE A 116 -4.97 3.60 -0.11
N ASN A 117 -3.90 4.09 0.52
CA ASN A 117 -3.69 5.53 0.67
C ASN A 117 -3.37 6.22 -0.64
N GLN A 118 -3.09 5.46 -1.71
CA GLN A 118 -2.86 6.04 -3.02
C GLN A 118 -4.15 6.34 -3.77
N HIS A 119 -5.31 6.12 -3.14
CA HIS A 119 -6.61 6.30 -3.78
C HIS A 119 -7.54 7.03 -2.83
N GLU A 120 -8.19 8.07 -3.32
CA GLU A 120 -8.97 8.94 -2.44
C GLU A 120 -10.19 8.24 -1.84
N VAL A 121 -10.81 7.34 -2.60
CA VAL A 121 -12.00 6.61 -2.18
C VAL A 121 -11.93 5.19 -2.74
N LEU A 122 -12.26 4.20 -1.90
CA LEU A 122 -12.22 2.80 -2.31
C LEU A 122 -13.37 2.02 -1.69
N LEU A 123 -13.87 1.04 -2.45
CA LEU A 123 -14.70 -0.04 -1.95
C LEU A 123 -13.80 -1.26 -1.74
N ALA A 124 -13.84 -1.87 -0.56
CA ALA A 124 -12.83 -2.86 -0.23
C ALA A 124 -13.37 -3.94 0.69
N PRO A 125 -12.81 -5.15 0.62
N PRO A 125 -12.77 -5.14 0.67
CA PRO A 125 -13.00 -6.16 1.66
CA PRO A 125 -13.06 -6.15 1.68
C PRO A 125 -11.97 -5.96 2.76
C PRO A 125 -12.04 -6.07 2.80
N LEU A 126 -12.20 -6.67 3.87
N LEU A 126 -12.22 -6.85 3.86
CA LEU A 126 -11.18 -6.77 4.90
CA LEU A 126 -11.15 -6.99 4.84
C LEU A 126 -10.05 -7.67 4.43
C LEU A 126 -10.02 -7.81 4.25
N LEU A 127 -8.86 -7.09 4.28
N LEU A 127 -8.77 -7.41 4.51
CA LEU A 127 -7.70 -7.83 3.82
CA LEU A 127 -7.61 -8.11 3.96
C LEU A 127 -7.37 -8.96 4.77
C LEU A 127 -7.04 -9.11 4.96
N SER A 128 -6.92 -10.07 4.19
N SER A 128 -6.53 -10.21 4.41
CA SER A 128 -6.48 -11.28 4.88
CA SER A 128 -5.87 -11.30 5.13
C SER A 128 -7.59 -12.00 5.63
C SER A 128 -6.82 -12.16 5.94
N ALA A 129 -8.84 -11.54 5.53
N ALA A 129 -8.04 -11.71 6.17
CA ALA A 129 -9.94 -12.24 6.16
CA ALA A 129 -9.02 -12.52 6.90
C ALA A 129 -10.40 -13.41 5.29
C ALA A 129 -9.73 -13.44 5.92
N GLY A 130 -11.45 -14.10 5.74
N GLY A 130 -10.87 -13.99 6.32
CA GLY A 130 -11.95 -15.23 4.98
CA GLY A 130 -11.60 -14.88 5.46
C GLY A 130 -10.89 -16.28 4.78
C GLY A 130 -10.79 -16.13 5.19
N ILE A 131 -10.73 -16.73 3.53
N ILE A 131 -10.81 -16.59 3.93
CA ILE A 131 -9.84 -17.83 3.22
CA ILE A 131 -10.07 -17.79 3.56
C ILE A 131 -8.37 -17.50 3.37
C ILE A 131 -8.57 -17.56 3.58
N PHE A 132 -8.01 -16.22 3.56
N PHE A 132 -8.13 -16.33 3.85
CA PHE A 132 -6.63 -15.87 3.89
CA PHE A 132 -6.70 -16.05 3.99
C PHE A 132 -6.31 -16.11 5.37
C PHE A 132 -6.14 -16.39 5.36
N GLY A 133 -7.31 -16.38 6.20
N GLY A 133 -6.98 -16.72 6.35
CA GLY A 133 -7.06 -16.99 7.50
CA GLY A 133 -6.54 -17.37 7.58
C GLY A 133 -6.75 -16.06 8.65
C GLY A 133 -6.35 -16.47 8.78
N ALA A 134 -6.73 -14.74 8.45
N ALA A 134 -6.22 -15.15 8.58
CA ALA A 134 -6.48 -13.85 9.57
CA ALA A 134 -5.88 -14.29 9.70
C ALA A 134 -7.77 -13.55 10.31
C ALA A 134 -7.12 -13.88 10.49
N ASP A 135 -7.62 -13.02 11.52
N ASP A 135 -6.88 -13.25 11.63
CA ASP A 135 -8.75 -12.58 12.33
CA ASP A 135 -7.95 -12.84 12.54
C ASP A 135 -9.34 -11.30 11.74
C ASP A 135 -8.59 -11.56 12.04
N PRO A 136 -10.60 -11.31 11.30
N PRO A 136 -9.89 -11.56 11.72
CA PRO A 136 -11.18 -10.08 10.72
CA PRO A 136 -10.51 -10.36 11.15
C PRO A 136 -11.26 -8.91 11.68
C PRO A 136 -10.61 -9.19 12.11
N ILE A 137 -11.42 -9.16 12.99
N ILE A 137 -10.74 -9.43 13.42
CA ILE A 137 -11.40 -8.06 13.94
CA ILE A 137 -10.72 -8.33 14.39
C ILE A 137 -10.05 -7.35 13.87
C ILE A 137 -9.41 -7.55 14.26
N HIS A 138 -8.97 -8.12 13.79
N HIS A 138 -8.30 -8.26 14.17
CA HIS A 138 -7.64 -7.55 13.66
CA HIS A 138 -7.01 -7.61 13.96
C HIS A 138 -7.48 -6.81 12.33
C HIS A 138 -7.02 -6.80 12.67
N SER A 139 -7.91 -7.43 11.23
N SER A 139 -7.70 -7.29 11.63
CA SER A 139 -7.85 -6.77 9.93
CA SER A 139 -7.60 -6.66 10.31
C SER A 139 -8.53 -5.40 10.00
C SER A 139 -8.37 -5.34 10.26
N LEU A 140 -9.61 -5.31 10.75
CA LEU A 140 -10.34 -4.04 10.81
C LEU A 140 -9.53 -3.00 11.60
N ARG A 141 -8.91 -3.44 12.71
CA ARG A 141 -8.08 -2.53 13.50
C ARG A 141 -6.94 -1.98 12.67
N VAL A 142 -6.23 -2.84 11.95
CA VAL A 142 -5.13 -2.37 11.11
C VAL A 142 -5.63 -1.42 10.03
N CYS A 143 -6.77 -1.74 9.43
CA CYS A 143 -7.35 -0.85 8.43
C CYS A 143 -7.56 0.54 9.01
N VAL A 144 -8.24 0.63 10.14
CA VAL A 144 -8.56 1.92 10.73
C VAL A 144 -7.30 2.69 11.10
N ASP A 145 -6.26 1.98 11.55
CA ASP A 145 -5.03 2.62 12.01
C ASP A 145 -4.03 2.86 10.88
N THR A 146 -4.34 2.46 9.65
CA THR A 146 -3.41 2.59 8.53
C THR A 146 -3.97 3.43 7.39
N VAL A 147 -5.22 3.18 7.00
CA VAL A 147 -5.81 3.87 5.86
C VAL A 147 -6.28 5.24 6.30
N ARG A 148 -5.89 6.26 5.55
CA ARG A 148 -6.28 7.64 5.78
C ARG A 148 -7.25 8.18 4.74
N THR A 149 -7.34 7.51 3.59
CA THR A 149 -8.31 7.87 2.57
C THR A 149 -9.66 7.23 2.91
N ASN A 150 -10.67 7.52 2.12
CA ASN A 150 -12.04 7.13 2.45
C ASN A 150 -12.29 5.71 1.97
N VAL A 151 -12.50 4.80 2.91
CA VAL A 151 -12.66 3.38 2.61
C VAL A 151 -14.03 2.91 3.07
N TYR A 152 -14.72 2.22 2.16
CA TYR A 152 -16.03 1.63 2.37
C TYR A 152 -15.84 0.12 2.36
N LEU A 153 -16.03 -0.50 3.51
N LEU A 153 -15.93 -0.48 3.55
CA LEU A 153 -15.81 -1.93 3.65
CA LEU A 153 -15.60 -1.89 3.79
C LEU A 153 -17.13 -2.68 3.46
C LEU A 153 -16.84 -2.76 3.72
N ALA A 154 -17.12 -3.65 2.54
N ALA A 154 -16.76 -3.84 2.95
CA ALA A 154 -18.21 -4.58 2.34
CA ALA A 154 -17.85 -4.79 2.79
C ALA A 154 -17.87 -5.89 3.03
C ALA A 154 -17.46 -6.10 3.47
N VAL A 155 -18.70 -6.29 4.00
N VAL A 155 -18.26 -6.51 4.45
CA VAL A 155 -18.53 -7.53 4.76
CA VAL A 155 -18.04 -7.73 5.22
C VAL A 155 -19.63 -8.47 4.35
C VAL A 155 -19.15 -8.72 4.84
N PHE A 156 -19.25 -9.62 3.78
N PHE A 156 -18.75 -9.86 4.27
CA PHE A 156 -20.23 -10.54 3.21
CA PHE A 156 -19.71 -10.80 3.69
C PHE A 156 -21.10 -11.19 4.28
C PHE A 156 -20.51 -11.54 4.76
N ASP A 157 -20.51 -11.61 5.40
N ASP A 157 -19.84 -11.99 5.82
CA ASP A 157 -21.22 -12.42 6.40
CA ASP A 157 -20.48 -12.85 6.82
C ASP A 157 -21.91 -11.51 7.42
C ASP A 157 -21.15 -12.02 7.90
N LYS A 158 -23.22 -11.70 7.59
N LYS A 158 -22.41 -12.37 8.19
CA LYS A 158 -23.98 -10.86 8.52
CA LYS A 158 -23.17 -11.64 9.20
C LYS A 158 -23.52 -11.09 9.96
C LYS A 158 -22.61 -11.86 10.60
N ASN A 159 -23.33 -12.35 10.35
N ASN A 159 -22.22 -13.11 10.91
CA ASN A 159 -22.87 -12.61 11.71
CA ASN A 159 -21.72 -13.40 12.25
C ASN A 159 -21.51 -12.00 11.98
C ASN A 159 -20.43 -12.64 12.53
N LEU A 160 -20.60 -12.04 11.00
N LEU A 160 -19.56 -12.52 11.52
CA LEU A 160 -19.30 -11.41 11.18
CA LEU A 160 -18.34 -11.74 11.68
C LEU A 160 -19.45 -9.89 11.25
C LEU A 160 -18.65 -10.25 11.76
N TYR A 161 -20.29 -9.32 10.39
N TYR A 161 -19.57 -9.77 10.92
CA TYR A 161 -20.51 -7.87 10.43
CA TYR A 161 -19.90 -8.35 10.91
C TYR A 161 -20.97 -7.41 11.80
C TYR A 161 -20.41 -7.90 12.27
N ASP A 162 -21.96 -8.10 12.38
N ASP A 162 -21.27 -8.70 12.90
CA ASP A 162 -22.48 -7.70 13.68
CA ASP A 162 -21.73 -8.38 14.26
C ASP A 162 -21.40 -7.82 14.75
C ASP A 162 -20.56 -8.39 15.23
N LYS A 163 -20.56 -8.85 14.66
N LYS A 163 -19.64 -9.34 15.08
CA LYS A 163 -19.47 -8.99 15.61
CA LYS A 163 -18.47 -9.37 15.94
C LYS A 163 -18.45 -7.88 15.43
C LYS A 163 -17.64 -8.10 15.80
N LEU A 164 -18.16 -7.51 14.19
N LEU A 164 -17.61 -7.52 14.60
CA LEU A 164 -17.17 -6.47 13.94
CA LEU A 164 -16.82 -6.31 14.34
C LEU A 164 -17.60 -5.14 14.55
C LEU A 164 -17.56 -5.05 14.75
N VAL A 165 -18.88 -4.78 14.37
N VAL A 165 -18.84 -4.94 14.40
CA VAL A 165 -19.40 -3.53 14.90
CA VAL A 165 -19.61 -3.75 14.77
C VAL A 165 -19.41 -3.56 16.43
C VAL A 165 -19.71 -3.65 16.29
N SER A 166 -19.94 -4.64 17.00
N SER A 166 -20.20 -4.71 16.93
CA SER A 166 -20.14 -4.70 18.45
CA SER A 166 -20.38 -4.68 18.38
C SER A 166 -18.84 -4.79 19.23
C SER A 166 -19.07 -4.34 19.08
N SER A 167 -17.74 -5.20 18.58
N SER A 167 -17.96 -4.85 18.57
CA SER A 167 -16.46 -5.29 19.24
CA SER A 167 -16.67 -4.71 19.23
C SER A 167 -15.51 -4.16 18.86
C SER A 167 -15.87 -3.51 18.75
N PHE A 168 -15.95 -3.21 18.05
N PHE A 168 -16.39 -2.73 17.81
CA PHE A 168 -15.06 -2.16 17.58
CA PHE A 168 -15.61 -1.62 17.26
C PHE A 168 -14.79 -1.16 18.69
C PHE A 168 -15.34 -0.58 18.34
N LEU A 169 -13.53 -0.78 18.86
N LEU A 169 -14.09 -0.11 18.39
CA LEU A 169 -13.16 0.21 19.85
CA LEU A 169 -13.66 0.82 19.43
C LEU A 169 -12.97 1.57 19.21
C LEU A 169 -13.84 2.26 18.97
N SER B 1 29.99 -11.81 -3.95
CA SER B 1 29.90 -10.34 -4.16
C SER B 1 29.27 -9.64 -2.97
N MET B 2 29.62 -8.36 -2.81
N MET B 2 29.62 -8.36 -2.81
CA MET B 2 29.15 -7.55 -1.71
CA MET B 2 29.14 -7.55 -1.70
C MET B 2 28.06 -6.60 -2.22
C MET B 2 28.07 -6.60 -2.21
N VAL B 3 26.85 -6.76 -1.70
CA VAL B 3 25.75 -5.83 -1.96
C VAL B 3 25.17 -5.44 -0.62
N ASN B 4 24.57 -4.26 -0.58
CA ASN B 4 23.96 -3.75 0.66
C ASN B 4 24.95 -3.75 1.81
N SER B 5 26.20 -3.35 1.53
N SER B 5 26.19 -3.34 1.53
CA SER B 5 27.25 -3.32 2.54
CA SER B 5 27.24 -3.33 2.54
C SER B 5 27.34 -1.92 3.15
C SER B 5 27.35 -1.94 3.16
N PHE B 6 26.30 -1.59 3.91
CA PHE B 6 26.25 -0.30 4.58
C PHE B 6 27.18 -0.32 5.78
N SER B 7 27.98 0.75 5.93
N SER B 7 27.97 0.75 5.93
CA SER B 7 28.93 0.87 7.02
CA SER B 7 28.91 0.85 7.04
C SER B 7 28.99 2.31 7.50
C SER B 7 29.00 2.29 7.52
N GLY B 8 29.21 2.47 8.79
N GLY B 8 29.20 2.45 8.82
CA GLY B 8 29.35 3.78 9.37
CA GLY B 8 29.36 3.76 9.40
C GLY B 8 28.05 4.51 9.64
C GLY B 8 28.07 4.50 9.69
N TYR B 9 26.94 3.80 9.72
CA TYR B 9 25.65 4.43 10.00
C TYR B 9 25.38 4.47 11.48
N LEU B 10 24.70 5.54 11.90
CA LEU B 10 24.25 5.71 13.27
C LEU B 10 22.82 5.20 13.36
N LYS B 11 22.58 4.34 14.34
N LYS B 11 22.57 4.36 14.36
CA LYS B 11 21.26 3.76 14.57
CA LYS B 11 21.26 3.75 14.56
C LYS B 11 20.38 4.79 15.25
C LYS B 11 20.35 4.75 15.28
N LEU B 12 19.24 5.11 14.64
CA LEU B 12 18.22 5.96 15.28
C LEU B 12 17.10 5.14 15.90
N THR B 13 16.58 4.18 15.15
CA THR B 13 15.60 3.22 15.64
C THR B 13 16.04 1.85 15.16
N ASP B 14 15.24 0.83 15.49
N ASP B 14 15.25 0.82 15.49
CA ASP B 14 15.60 -0.53 15.09
CA ASP B 14 15.60 -0.53 15.09
C ASP B 14 15.71 -0.69 13.58
C ASP B 14 15.72 -0.68 13.58
N ASN B 15 15.08 0.19 12.80
CA ASN B 15 15.10 0.07 11.34
C ASN B 15 15.54 1.31 10.59
N VAL B 16 15.84 2.42 11.26
CA VAL B 16 16.24 3.66 10.60
C VAL B 16 17.66 4.00 11.02
N TYR B 17 18.53 4.17 10.03
CA TYR B 17 19.94 4.45 10.21
C TYR B 17 20.29 5.72 9.43
N ILE B 18 21.33 6.43 9.86
CA ILE B 18 21.65 7.72 9.25
C ILE B 18 23.15 7.91 9.18
N LYS B 19 23.61 8.57 8.11
CA LYS B 19 25.03 8.79 7.89
C LYS B 19 25.23 10.12 7.19
N ASN B 20 26.31 10.82 7.54
CA ASN B 20 26.72 12.02 6.83
C ASN B 20 27.50 11.56 5.60
N ALA B 21 26.86 11.61 4.42
CA ALA B 21 27.48 11.07 3.22
C ALA B 21 26.79 11.63 1.98
N ASP B 22 27.53 11.57 0.88
CA ASP B 22 27.04 11.88 -0.46
C ASP B 22 26.36 10.62 -1.00
N ILE B 23 25.06 10.71 -1.29
CA ILE B 23 24.29 9.51 -1.63
C ILE B 23 24.80 8.83 -2.90
N VAL B 24 25.34 9.59 -3.85
CA VAL B 24 25.91 8.99 -5.06
C VAL B 24 27.14 8.18 -4.70
N GLU B 25 28.05 8.76 -3.92
CA GLU B 25 29.23 8.03 -3.49
C GLU B 25 28.85 6.83 -2.63
N GLU B 26 27.84 6.99 -1.78
N GLU B 26 27.85 6.99 -1.77
CA GLU B 26 27.38 5.87 -0.97
CA GLU B 26 27.35 5.89 -0.96
C GLU B 26 26.83 4.76 -1.84
C GLU B 26 26.83 4.76 -1.84
N ALA B 27 26.01 5.09 -2.84
CA ALA B 27 25.46 4.07 -3.71
C ALA B 27 26.56 3.29 -4.41
N LYS B 28 27.60 3.99 -4.89
CA LYS B 28 28.68 3.29 -5.57
C LYS B 28 29.47 2.39 -4.61
N LYS B 29 29.54 2.76 -3.33
N LYS B 29 29.54 2.75 -3.32
CA LYS B 29 30.30 1.96 -2.37
CA LYS B 29 30.30 1.97 -2.35
C LYS B 29 29.45 0.81 -1.82
C LYS B 29 29.48 0.82 -1.78
N VAL B 30 28.23 1.10 -1.40
CA VAL B 30 27.39 0.12 -0.70
C VAL B 30 26.83 -0.92 -1.65
N LYS B 31 26.65 -0.56 -2.92
N LYS B 31 26.65 -0.55 -2.92
CA LYS B 31 26.01 -1.41 -3.92
CA LYS B 31 26.01 -1.39 -3.92
C LYS B 31 24.62 -1.87 -3.46
C LYS B 31 24.62 -1.86 -3.45
N PRO B 32 23.70 -0.93 -3.22
CA PRO B 32 22.38 -1.31 -2.68
C PRO B 32 21.47 -1.92 -3.73
N THR B 33 20.56 -2.78 -3.25
CA THR B 33 19.48 -3.26 -4.11
C THR B 33 18.61 -2.10 -4.58
N VAL B 34 18.36 -1.12 -3.71
CA VAL B 34 17.46 -0.01 -4.01
C VAL B 34 18.08 1.29 -3.55
N VAL B 35 18.20 2.25 -4.45
CA VAL B 35 18.44 3.64 -4.10
C VAL B 35 17.16 4.42 -4.39
N VAL B 36 16.77 5.28 -3.44
CA VAL B 36 15.60 6.13 -3.59
C VAL B 36 16.00 7.45 -4.23
N ASN B 37 15.24 7.85 -5.24
CA ASN B 37 15.34 9.18 -5.81
C ASN B 37 14.25 10.08 -5.26
N ALA B 38 14.62 11.33 -4.97
CA ALA B 38 13.70 12.41 -4.62
C ALA B 38 13.12 12.98 -5.92
N ALA B 39 12.11 12.27 -6.44
CA ALA B 39 11.57 12.52 -7.77
C ALA B 39 10.40 13.52 -7.73
N ASN B 40 10.06 14.00 -8.91
CA ASN B 40 8.80 14.71 -9.16
C ASN B 40 7.92 13.88 -10.10
N VAL B 41 6.68 14.33 -10.28
CA VAL B 41 5.68 13.48 -10.94
C VAL B 41 6.01 13.21 -12.39
N TYR B 42 6.76 14.08 -13.07
CA TYR B 42 7.17 13.86 -14.45
C TYR B 42 8.58 13.31 -14.56
N LEU B 43 9.20 12.92 -13.46
CA LEU B 43 10.52 12.32 -13.46
C LEU B 43 11.51 13.17 -14.24
N LYS B 44 11.46 14.49 -14.01
CA LYS B 44 12.40 15.44 -14.59
C LYS B 44 13.47 15.70 -13.54
N HIS B 45 14.65 15.13 -13.75
CA HIS B 45 15.68 15.03 -12.71
C HIS B 45 16.63 16.21 -12.81
N GLY B 46 16.10 17.38 -12.42
CA GLY B 46 16.83 18.62 -12.60
C GLY B 46 17.84 18.97 -11.52
N GLY B 47 17.41 18.97 -10.27
CA GLY B 47 18.20 19.55 -9.20
C GLY B 47 18.31 18.62 -8.01
N GLY B 48 19.06 19.06 -7.01
CA GLY B 48 19.15 18.30 -5.77
C GLY B 48 19.56 16.86 -6.02
N VAL B 49 18.94 15.96 -5.26
CA VAL B 49 19.29 14.53 -5.33
C VAL B 49 19.06 13.99 -6.74
N ALA B 50 17.91 14.30 -7.34
CA ALA B 50 17.59 13.73 -8.64
C ALA B 50 18.61 14.16 -9.69
N GLY B 51 19.00 15.43 -9.67
CA GLY B 51 20.01 15.88 -10.61
C GLY B 51 21.33 15.15 -10.43
N ALA B 52 21.73 14.93 -9.18
CA ALA B 52 22.99 14.24 -8.92
C ALA B 52 22.93 12.77 -9.34
N LEU B 53 21.84 12.08 -9.02
CA LEU B 53 21.72 10.68 -9.43
C LEU B 53 21.73 10.59 -10.96
N ASN B 54 20.96 11.43 -11.63
CA ASN B 54 20.92 11.36 -13.08
C ASN B 54 22.27 11.64 -13.70
N LYS B 55 22.98 12.66 -13.20
CA LYS B 55 24.31 12.97 -13.71
C LYS B 55 25.24 11.78 -13.55
N ALA B 56 25.15 11.06 -12.42
CA ALA B 56 26.02 9.91 -12.22
C ALA B 56 25.78 8.83 -13.25
N THR B 57 24.54 8.73 -13.76
CA THR B 57 24.20 7.76 -14.79
C THR B 57 24.49 8.27 -16.20
N ASN B 58 25.12 9.44 -16.33
CA ASN B 58 25.38 10.03 -17.63
C ASN B 58 24.09 10.20 -18.44
N ASN B 59 23.02 10.62 -17.76
CA ASN B 59 21.72 10.93 -18.33
C ASN B 59 20.91 9.68 -18.70
N ALA B 60 21.42 8.47 -18.47
CA ALA B 60 20.64 7.28 -18.80
C ALA B 60 19.35 7.22 -18.00
N MET B 61 19.39 7.67 -16.74
CA MET B 61 18.19 7.69 -15.92
C MET B 61 17.13 8.59 -16.55
N GLN B 62 17.53 9.76 -17.07
CA GLN B 62 16.54 10.67 -17.65
C GLN B 62 15.92 10.07 -18.91
N VAL B 63 16.73 9.45 -19.76
CA VAL B 63 16.20 8.86 -20.99
C VAL B 63 15.19 7.76 -20.64
N GLU B 64 15.55 6.89 -19.69
CA GLU B 64 14.65 5.84 -19.26
C GLU B 64 13.37 6.41 -18.65
N SER B 65 13.52 7.47 -17.87
CA SER B 65 12.38 8.11 -17.22
C SER B 65 11.41 8.72 -18.23
N ASP B 66 11.95 9.41 -19.25
CA ASP B 66 11.06 9.99 -20.27
C ASP B 66 10.28 8.90 -21.00
N ASP B 67 10.91 7.76 -21.27
CA ASP B 67 10.18 6.66 -21.89
C ASP B 67 9.10 6.12 -20.96
N TYR B 68 9.40 5.99 -19.67
CA TYR B 68 8.39 5.56 -18.70
C TYR B 68 7.19 6.49 -18.72
N ILE B 69 7.43 7.81 -18.73
CA ILE B 69 6.36 8.80 -18.72
C ILE B 69 5.54 8.71 -20.00
N ALA B 70 6.19 8.53 -21.15
CA ALA B 70 5.45 8.40 -22.40
C ALA B 70 4.46 7.24 -22.32
N THR B 71 4.87 6.13 -21.72
CA THR B 71 4.05 4.94 -21.67
C THR B 71 2.97 5.03 -20.59
N ASN B 72 3.29 5.63 -19.44
CA ASN B 72 2.49 5.52 -18.23
C ASN B 72 1.88 6.83 -17.74
N GLY B 73 2.35 7.98 -18.22
CA GLY B 73 1.92 9.25 -17.68
C GLY B 73 2.56 9.54 -16.34
N PRO B 74 2.28 10.72 -15.79
CA PRO B 74 2.94 11.15 -14.56
C PRO B 74 2.49 10.33 -13.36
N LEU B 75 3.39 10.31 -12.36
CA LEU B 75 3.08 9.74 -11.06
C LEU B 75 2.13 10.65 -10.30
N LYS B 76 1.61 10.14 -9.18
CA LYS B 76 0.90 10.94 -8.19
C LYS B 76 1.88 11.43 -7.14
N VAL B 77 1.65 12.65 -6.62
CA VAL B 77 2.38 13.06 -5.42
C VAL B 77 2.05 12.06 -4.31
N GLY B 78 3.08 11.53 -3.66
CA GLY B 78 2.93 10.46 -2.70
C GLY B 78 3.15 9.08 -3.29
N GLY B 79 3.27 8.96 -4.60
CA GLY B 79 3.48 7.69 -5.27
C GLY B 79 4.93 7.45 -5.68
N SER B 80 5.13 6.33 -6.37
CA SER B 80 6.48 5.92 -6.75
C SER B 80 6.43 5.01 -7.97
N CYS B 81 7.60 4.80 -8.56
CA CYS B 81 7.80 3.73 -9.53
C CYS B 81 9.20 3.18 -9.37
N VAL B 82 9.36 1.92 -9.78
CA VAL B 82 10.66 1.24 -9.77
C VAL B 82 11.22 1.24 -11.19
N LEU B 83 12.42 1.79 -11.34
CA LEU B 83 13.14 1.75 -12.61
C LEU B 83 14.55 1.20 -12.34
N SER B 84 15.38 1.17 -13.38
CA SER B 84 16.73 0.66 -13.21
C SER B 84 17.55 1.57 -12.30
N GLY B 85 18.49 0.98 -11.58
CA GLY B 85 19.48 1.72 -10.83
C GLY B 85 20.76 2.00 -11.56
N HIS B 86 20.94 1.55 -12.80
CA HIS B 86 22.09 1.94 -13.63
C HIS B 86 23.39 1.57 -12.93
N ASN B 87 24.32 2.51 -12.76
CA ASN B 87 25.59 2.27 -12.09
C ASN B 87 25.52 2.53 -10.60
N LEU B 88 24.32 2.73 -10.06
CA LEU B 88 24.14 3.10 -8.66
C LEU B 88 23.56 2.00 -7.78
N ALA B 89 22.74 1.12 -8.36
CA ALA B 89 21.95 0.19 -7.56
C ALA B 89 21.31 -0.78 -8.52
N LYS B 90 20.76 -1.87 -8.00
CA LYS B 90 19.94 -2.73 -8.86
C LYS B 90 18.75 -1.95 -9.40
N HIS B 91 18.02 -1.28 -8.50
CA HIS B 91 16.82 -0.53 -8.81
C HIS B 91 16.92 0.88 -8.25
N CYS B 92 16.27 1.81 -8.93
CA CYS B 92 15.97 3.13 -8.37
C CYS B 92 14.47 3.20 -8.10
N LEU B 93 14.12 3.46 -6.85
CA LEU B 93 12.74 3.73 -6.46
C LEU B 93 12.53 5.24 -6.51
N HIS B 94 11.81 5.71 -7.52
CA HIS B 94 11.53 7.13 -7.68
C HIS B 94 10.30 7.45 -6.85
N VAL B 95 10.47 8.23 -5.77
CA VAL B 95 9.38 8.52 -4.84
C VAL B 95 9.11 10.01 -4.88
N VAL B 96 7.83 10.39 -5.00
CA VAL B 96 7.44 11.78 -5.08
C VAL B 96 6.93 12.24 -3.71
N GLY B 97 7.74 12.97 -2.96
CA GLY B 97 7.25 13.66 -1.79
C GLY B 97 6.66 14.99 -2.18
N PRO B 98 5.81 15.56 -1.31
CA PRO B 98 5.28 16.89 -1.59
C PRO B 98 6.37 17.95 -1.62
N ASN B 99 6.26 18.85 -2.57
CA ASN B 99 7.17 19.99 -2.70
C ASN B 99 6.49 21.21 -2.08
N VAL B 100 6.86 21.54 -0.84
CA VAL B 100 6.28 22.68 -0.14
C VAL B 100 6.64 23.99 -0.83
N ASN B 101 7.81 24.05 -1.49
CA ASN B 101 8.16 25.23 -2.29
C ASN B 101 7.24 25.42 -3.48
N LYS B 102 6.45 24.41 -3.83
N LYS B 102 6.47 24.40 -3.86
CA LYS B 102 5.44 24.54 -4.88
CA LYS B 102 5.50 24.50 -4.93
C LYS B 102 4.02 24.51 -4.32
C LYS B 102 4.06 24.51 -4.42
N GLY B 103 3.86 24.70 -3.01
N GLY B 103 3.86 24.67 -3.12
CA GLY B 103 2.55 24.75 -2.41
CA GLY B 103 2.53 24.75 -2.55
C GLY B 103 1.86 23.42 -2.21
C GLY B 103 1.85 23.42 -2.29
N GLU B 104 2.57 22.31 -2.41
CA GLU B 104 1.95 21.00 -2.23
C GLU B 104 1.83 20.67 -0.75
N ASP B 105 0.85 19.80 -0.44
CA ASP B 105 0.44 19.57 0.95
C ASP B 105 1.45 18.67 1.65
N ILE B 106 2.11 19.22 2.68
CA ILE B 106 3.06 18.45 3.48
C ILE B 106 2.43 17.19 4.06
N GLN B 107 1.11 17.16 4.21
CA GLN B 107 0.44 15.97 4.73
C GLN B 107 0.69 14.73 3.88
N LEU B 108 1.03 14.89 2.60
CA LEU B 108 1.26 13.76 1.70
C LEU B 108 2.59 13.07 1.94
N LEU B 109 3.39 13.56 2.86
CA LEU B 109 4.71 12.99 3.11
C LEU B 109 4.60 11.58 3.68
N LYS B 110 3.60 11.30 4.51
CA LYS B 110 3.47 9.95 5.05
C LYS B 110 3.21 8.95 3.93
N SER B 111 2.28 9.27 3.03
CA SER B 111 2.03 8.40 1.88
C SER B 111 3.31 8.15 1.09
N ALA B 112 4.11 9.19 0.88
CA ALA B 112 5.36 9.04 0.13
C ALA B 112 6.28 8.04 0.83
N TYR B 113 6.45 8.17 2.14
CA TYR B 113 7.30 7.24 2.87
C TYR B 113 6.75 5.82 2.88
N GLU B 114 5.43 5.63 2.80
CA GLU B 114 4.88 4.28 2.78
C GLU B 114 5.43 3.46 1.63
N ASN B 115 5.84 4.11 0.53
CA ASN B 115 6.42 3.36 -0.58
C ASN B 115 7.66 2.58 -0.15
N PHE B 116 8.40 3.09 0.85
CA PHE B 116 9.61 2.42 1.27
C PHE B 116 9.31 1.03 1.84
N ASN B 117 8.10 0.83 2.40
CA ASN B 117 7.77 -0.44 3.05
C ASN B 117 7.65 -1.59 2.06
N GLN B 118 7.66 -1.31 0.77
CA GLN B 118 7.64 -2.36 -0.25
C GLN B 118 9.02 -2.91 -0.57
N HIS B 119 10.07 -2.48 0.14
CA HIS B 119 11.44 -2.91 -0.10
C HIS B 119 12.10 -3.19 1.24
N GLU B 120 12.77 -4.34 1.34
N GLU B 120 12.77 -4.33 1.34
CA GLU B 120 13.29 -4.76 2.65
CA GLU B 120 13.27 -4.76 2.65
C GLU B 120 14.42 -3.87 3.13
C GLU B 120 14.43 -3.89 3.13
N VAL B 121 15.22 -3.32 2.21
CA VAL B 121 16.33 -2.44 2.56
C VAL B 121 16.53 -1.42 1.45
N LEU B 122 16.76 -0.16 1.84
CA LEU B 122 16.92 0.94 0.89
C LEU B 122 17.99 1.91 1.36
N LEU B 123 18.71 2.49 0.40
CA LEU B 123 19.51 3.70 0.60
C LEU B 123 18.67 4.88 0.15
N ALA B 124 18.54 5.92 0.98
CA ALA B 124 17.56 6.95 0.67
C ALA B 124 17.98 8.33 1.17
N PRO B 125 17.48 9.38 0.52
CA PRO B 125 17.51 10.73 1.11
C PRO B 125 16.25 10.95 1.94
N LEU B 126 16.26 12.03 2.73
CA LEU B 126 15.05 12.48 3.41
C LEU B 126 14.08 13.09 2.41
N LEU B 127 12.88 12.53 2.33
CA LEU B 127 11.90 13.00 1.36
C LEU B 127 11.41 14.40 1.71
N SER B 128 11.15 15.17 0.67
CA SER B 128 10.62 16.52 0.74
C SER B 128 11.59 17.52 1.36
N ALA B 129 12.82 17.10 1.68
CA ALA B 129 13.83 17.99 2.23
C ALA B 129 14.50 18.80 1.12
N GLY B 130 15.41 19.68 1.53
CA GLY B 130 16.25 20.38 0.57
C GLY B 130 15.42 21.25 -0.34
N ILE B 131 15.62 21.08 -1.65
CA ILE B 131 14.93 21.90 -2.64
C ILE B 131 13.43 21.70 -2.64
N PHE B 132 12.93 20.65 -1.98
CA PHE B 132 11.49 20.45 -1.83
C PHE B 132 10.87 21.26 -0.68
N GLY B 133 11.69 21.85 0.21
CA GLY B 133 11.22 22.87 1.12
C GLY B 133 10.64 22.43 2.46
N ALA B 134 10.51 21.14 2.73
CA ALA B 134 10.00 20.74 4.04
C ALA B 134 11.10 20.81 5.10
N ASP B 135 10.67 20.87 6.35
CA ASP B 135 11.61 20.84 7.47
C ASP B 135 12.23 19.45 7.53
N PRO B 136 13.56 19.32 7.37
CA PRO B 136 14.15 17.97 7.43
C PRO B 136 13.93 17.27 8.75
N ILE B 137 13.80 18.01 9.86
CA ILE B 137 13.50 17.39 11.14
C ILE B 137 12.14 16.69 11.08
N HIS B 138 11.16 17.34 10.46
CA HIS B 138 9.86 16.73 10.29
C HIS B 138 9.93 15.54 9.34
N SER B 139 10.71 15.64 8.26
CA SER B 139 10.82 14.52 7.35
C SER B 139 11.40 13.30 8.05
N LEU B 140 12.39 13.50 8.91
CA LEU B 140 12.95 12.40 9.67
C LEU B 140 11.90 11.80 10.61
N ARG B 141 11.11 12.66 11.26
CA ARG B 141 10.01 12.21 12.12
C ARG B 141 9.06 11.31 11.35
N VAL B 142 8.59 11.78 10.20
CA VAL B 142 7.65 10.98 9.44
C VAL B 142 8.30 9.68 8.98
N CYS B 143 9.56 9.74 8.58
CA CYS B 143 10.28 8.52 8.19
C CYS B 143 10.25 7.50 9.32
N VAL B 144 10.69 7.91 10.52
CA VAL B 144 10.75 6.96 11.63
C VAL B 144 9.37 6.42 11.99
N ASP B 145 8.33 7.25 11.86
CA ASP B 145 6.99 6.86 12.26
C ASP B 145 6.24 6.11 11.18
N THR B 146 6.81 5.98 9.99
CA THR B 146 6.13 5.35 8.85
C THR B 146 6.86 4.15 8.29
N VAL B 147 8.18 4.26 8.12
CA VAL B 147 8.94 3.18 7.50
C VAL B 147 9.23 2.12 8.55
N ARG B 148 8.98 0.85 8.18
CA ARG B 148 9.25 -0.30 9.02
C ARG B 148 10.36 -1.18 8.45
N THR B 149 10.65 -1.06 7.16
CA THR B 149 11.76 -1.78 6.54
C THR B 149 13.05 -1.02 6.85
N ASN B 150 14.18 -1.56 6.42
CA ASN B 150 15.48 -1.04 6.83
C ASN B 150 15.89 0.08 5.89
N VAL B 151 15.93 1.31 6.42
CA VAL B 151 16.25 2.48 5.61
C VAL B 151 17.53 3.13 6.12
N TYR B 152 18.46 3.33 5.19
CA TYR B 152 19.77 3.92 5.43
C TYR B 152 19.74 5.30 4.78
N LEU B 153 19.69 6.35 5.62
CA LEU B 153 19.55 7.73 5.16
C LEU B 153 20.91 8.37 4.99
N ALA B 154 21.11 9.01 3.85
CA ALA B 154 22.32 9.75 3.55
C ALA B 154 22.01 11.24 3.60
N VAL B 155 22.75 11.95 4.44
CA VAL B 155 22.61 13.39 4.60
C VAL B 155 23.93 14.03 4.23
N PHE B 156 23.93 14.87 3.18
CA PHE B 156 25.17 15.40 2.62
C PHE B 156 25.87 16.38 3.55
N ASP B 157 25.14 17.36 4.08
CA ASP B 157 25.74 18.43 4.87
C ASP B 157 25.94 17.98 6.31
N LYS B 158 27.21 17.96 6.76
CA LYS B 158 27.52 17.60 8.15
C LYS B 158 26.72 18.43 9.15
N ASN B 159 26.51 19.72 8.86
CA ASN B 159 25.79 20.57 9.81
C ASN B 159 24.32 20.19 9.91
N LEU B 160 23.70 19.79 8.80
CA LEU B 160 22.33 19.31 8.88
C LEU B 160 22.26 17.97 9.56
N TYR B 161 23.21 17.08 9.23
CA TYR B 161 23.30 15.79 9.91
C TYR B 161 23.34 15.98 11.42
N ASP B 162 24.20 16.88 11.90
CA ASP B 162 24.31 17.12 13.34
C ASP B 162 23.00 17.64 13.92
N LYS B 163 22.32 18.54 13.21
N LYS B 163 22.32 18.55 13.21
CA LYS B 163 21.04 19.06 13.68
CA LYS B 163 21.04 19.06 13.68
C LYS B 163 20.00 17.95 13.76
C LYS B 163 20.02 17.93 13.77
N LEU B 164 19.98 17.05 12.77
CA LEU B 164 19.03 15.94 12.77
C LEU B 164 19.30 14.96 13.91
N VAL B 165 20.56 14.57 14.07
CA VAL B 165 20.91 13.58 15.10
C VAL B 165 20.74 14.18 16.49
N SER B 166 21.26 15.40 16.69
CA SER B 166 21.29 15.97 18.03
C SER B 166 19.89 16.26 18.53
N SER B 167 18.94 16.52 17.63
CA SER B 167 17.57 16.85 18.01
C SER B 167 16.61 15.66 17.97
N PHE B 168 17.05 14.50 17.49
CA PHE B 168 16.13 13.37 17.37
C PHE B 168 15.72 12.83 18.75
N LEU B 169 16.63 12.89 19.71
CA LEU B 169 16.39 12.40 21.06
C LEU B 169 17.13 13.22 22.11
N2 A1CJV C . -16.28 -9.93 1.61
C3 A1CJV C . -14.63 -14.07 3.43
C6 A1CJV C . -17.13 -9.26 0.84
C9 A1CJV C . -16.52 -13.04 -0.61
C12 A1CJV C . -16.64 -15.44 4.14
C14 A1CJV C . -17.08 -15.93 6.49
C1 A1CJV C . -12.98 -14.57 1.52
C10 A1CJV C . -17.35 -12.91 -1.70
C11 A1CJV C . -15.49 -14.72 4.51
C13 A1CJV C . -17.44 -16.05 5.12
C15 A1CJV C . -15.93 -15.20 6.85
C16 A1CJV C . -15.14 -14.60 5.86
C2 A1CJV C . -13.90 -15.14 2.60
C4 A1CJV C . -15.02 -11.95 2.19
C5 A1CJV C . -15.97 -11.22 1.29
C7 A1CJV C . -17.43 -10.94 -0.60
C8 A1CJV C . -16.55 -11.79 0.11
N1 A1CJV C . -15.40 -13.19 2.56
N3 A1CJV C . -17.74 -9.67 -0.26
N4 A1CJV C . -17.90 -11.64 -1.69
O1 A1CJV C . -11.75 -14.57 1.77
O2 A1CJV C . -13.98 -11.43 2.57
O3 A1CJV C . -17.84 -16.51 7.46
O4 A1CJV C . -13.52 -14.13 0.48
H3 A1CJV C . -13.88 -13.45 3.91
H5 A1CJV C . -17.34 -8.23 1.14
H6 A1CJV C . -15.96 -13.92 -0.33
H9 A1CJV C . -16.91 -15.54 3.10
H7 A1CJV C . -17.61 -13.62 -2.47
H10 A1CJV C . -18.32 -16.60 4.84
H12 A1CJV C . -15.66 -15.12 7.90
H13 A1CJV C . -14.26 -14.05 6.16
H1 A1CJV C . -13.31 -15.79 3.25
H2 A1CJV C . -14.63 -15.79 2.10
H4 A1CJV C . -16.29 -13.54 2.21
H8 A1CJV C . -18.55 -11.31 -2.39
H11 A1CJV C . -17.59 -17.41 7.64
O1 A1CJW D . -16.45 -11.90 6.53
C1 A1CJW D . -15.83 -11.31 5.62
C2 A1CJW D . -14.45 -11.85 5.22
C3 A1CJW D . -14.59 -12.93 4.13
C4 A1CJW D . -15.26 -12.56 1.69
C5 A1CJW D . -16.10 -11.58 0.93
C6 A1CJW D . -16.98 -9.43 0.74
C7 A1CJW D . -17.56 -10.88 -0.84
C8 A1CJW D . -16.79 -11.93 -0.26
C10 A1CJW D . -17.78 -12.73 -2.11
C11 A1CJW D . -15.46 -14.07 4.64
C12 A1CJW D . -15.15 -14.69 5.87
C13 A1CJW D . -15.98 -15.74 6.36
C14 A1CJW D . -17.11 -16.13 5.62
C15 A1CJW D . -17.43 -15.51 4.41
C16 A1CJW D . -16.61 -14.47 3.93
C9 A1CJW D . -16.95 -13.09 -1.09
N1 A1CJW D . -15.24 -12.27 3.01
N2 A1CJW D . -16.23 -10.31 1.40
N3 A1CJW D . -17.68 -9.60 -0.37
N4 A1CJW D . -18.15 -11.41 -1.96
O2 A1CJW D . -14.72 -13.54 1.18
O3 A1CJW D . -17.90 -17.14 6.09
O4 A1CJW D . -16.25 -10.33 4.97
H2 A1CJW D . -13.83 -11.02 4.87
H1 A1CJW D . -13.95 -12.25 6.11
H3 A1CJW D . -13.60 -13.29 3.84
H5 A1CJW D . -17.04 -8.44 1.19
H7 A1CJW D . -18.15 -13.33 -2.95
H9 A1CJW D . -14.29 -14.39 6.44
H10 A1CJW D . -15.73 -16.21 7.29
H12 A1CJW D . -18.29 -15.81 3.84
H13 A1CJW D . -16.86 -13.99 2.99
H6 A1CJW D . -16.50 -14.06 -0.92
H4 A1CJW D . -15.76 -11.45 3.27
H8 A1CJW D . -18.75 -10.92 -2.60
H11 A1CJW D . -18.60 -16.83 6.65
#